data_5AGX
#
_entry.id   5AGX
#
_cell.length_a   86.054
_cell.length_b   86.054
_cell.length_c   108.739
_cell.angle_alpha   90.00
_cell.angle_beta   90.00
_cell.angle_gamma   90.00
#
_symmetry.space_group_name_H-M   'P 43 21 2'
#
loop_
_entity.id
_entity.type
_entity.pdbx_description
1 polymer 'APOPTOSIS REGULATOR BCL-2, BCL-2-LIKE PROTEIN 1, APOPTOSIS REGULATOR BCL-2'
2 polymer 'APOPTOSIS REGULATOR BCL-2, BCL-2-LIKE PROTEIN 1, APOPTOSIS REGULATOR BCL-2'
3 polymer 'BCL-2-LIKE PROTEIN 11'
4 water water
#
loop_
_entity_poly.entity_id
_entity_poly.type
_entity_poly.pdbx_seq_one_letter_code
_entity_poly.pdbx_strand_id
1 'polypeptide(L)'
;MAHAGRTGYDNREIVMKYIHYKLSQRGYEWDAGDDVEENRTEAPEGTESEVVHLTLRQAGDDFSRRYRRDFAEMSSQLHL
TPFTARGRFATVVEELFRDGVNWGRIVAFFEFGGVMCVESVNREMSPLVDNIALWMTEYLNRHLHTWIQDNGGWDAFVEL
YGPSMR
;
A
2 'polypeptide(L)'
;MAHAGRTGYDNREIVMKYIHYKLSQRGYEWDAGDDVEENRTEAPEGTESEVVHLTLRQAGDDFSRRYRRDFAEMSSQLHL
TPFTARGRFATVVEELFRDGVNWGRIVAFFEFGGVMCVESVNREMSPLVDNIAIWMTEYLNRHLHTWIQDNGGWDAFVEL
YGPSMR
;
B
3 'polypeptide(L)' (ACE)I(XCP)IAQ(AJE)LR(MH8)IGD(MH8)FN(XCP)YYARR C,D
#
# COMPACT_ATOMS: atom_id res chain seq x y z
N GLY A 8 21.95 2.16 -3.05
CA GLY A 8 21.37 0.99 -3.69
C GLY A 8 22.38 -0.02 -4.20
N TYR A 9 22.42 -0.19 -5.53
CA TYR A 9 23.29 -1.11 -6.28
C TYR A 9 22.75 -2.54 -6.41
N ASP A 10 23.28 -3.48 -5.61
CA ASP A 10 23.10 -4.91 -5.92
C ASP A 10 22.21 -5.73 -4.97
N ASN A 11 21.11 -6.25 -5.51
CA ASN A 11 20.15 -7.01 -4.72
C ASN A 11 20.71 -8.30 -4.11
N ARG A 12 21.56 -8.98 -4.86
CA ARG A 12 22.16 -10.21 -4.37
C ARG A 12 22.92 -9.96 -3.06
N GLU A 13 23.78 -8.95 -3.06
CA GLU A 13 24.55 -8.60 -1.86
C GLU A 13 23.63 -8.22 -0.71
N ILE A 14 22.57 -7.48 -1.01
CA ILE A 14 21.61 -7.10 0.02
C ILE A 14 20.97 -8.32 0.67
N VAL A 15 20.58 -9.29 -0.15
CA VAL A 15 20.03 -10.53 0.36
C VAL A 15 21.06 -11.28 1.19
N MET A 16 22.26 -11.47 0.63
CA MET A 16 23.30 -12.27 1.27
C MET A 16 23.62 -11.73 2.64
N LYS A 17 23.84 -10.42 2.71
CA LYS A 17 24.12 -9.77 3.98
C LYS A 17 22.98 -9.90 4.98
N TYR A 18 21.73 -9.75 4.52
CA TYR A 18 20.59 -9.86 5.44
C TYR A 18 20.47 -11.25 6.03
N ILE A 19 20.61 -12.26 5.17
N ILE A 19 20.61 -12.26 5.17
CA ILE A 19 20.47 -13.65 5.59
CA ILE A 19 20.46 -13.65 5.59
C ILE A 19 21.62 -14.06 6.52
C ILE A 19 21.62 -14.07 6.51
N HIS A 20 22.83 -13.65 6.18
CA HIS A 20 23.98 -13.97 7.03
C HIS A 20 23.74 -13.41 8.44
N TYR A 21 23.25 -12.18 8.50
CA TYR A 21 22.97 -11.55 9.79
C TYR A 21 21.86 -12.26 10.58
N LYS A 22 20.74 -12.58 9.93
CA LYS A 22 19.66 -13.27 10.63
C LYS A 22 20.11 -14.63 11.18
N LEU A 23 20.95 -15.33 10.43
CA LEU A 23 21.37 -16.66 10.89
C LEU A 23 22.37 -16.54 12.04
N SER A 24 23.28 -15.57 11.98
CA SER A 24 24.31 -15.43 13.01
C SER A 24 23.69 -15.04 14.34
N GLN A 25 22.57 -14.32 14.28
CA GLN A 25 21.79 -14.00 15.47
C GLN A 25 21.42 -15.27 16.23
N ARG A 26 21.18 -16.36 15.49
CA ARG A 26 20.86 -17.63 16.11
C ARG A 26 22.12 -18.48 16.26
N GLY A 27 23.28 -17.87 16.04
CA GLY A 27 24.55 -18.55 16.25
C GLY A 27 24.99 -19.43 15.10
N TYR A 28 24.32 -19.30 13.95
CA TYR A 28 24.69 -20.08 12.77
C TYR A 28 25.48 -19.25 11.76
N GLU A 29 26.69 -19.71 11.45
CA GLU A 29 27.57 -19.03 10.51
C GLU A 29 27.43 -19.64 9.11
N TRP A 30 26.91 -18.82 8.19
CA TRP A 30 26.61 -19.26 6.84
C TRP A 30 27.67 -18.82 5.83
N ASP A 31 28.23 -19.79 5.11
CA ASP A 31 29.17 -19.48 4.04
C ASP A 31 28.45 -18.90 2.82
N ALA A 32 28.79 -17.66 2.49
CA ALA A 32 28.32 -16.93 1.31
C ALA A 32 27.69 -17.77 0.21
N SER A 49 25.73 2.52 0.33
CA SER A 49 26.90 1.85 0.89
C SER A 49 26.48 0.75 1.87
N GLU A 50 27.19 0.67 3.00
CA GLU A 50 26.81 -0.23 4.07
C GLU A 50 25.56 0.30 4.79
N VAL A 51 25.19 1.53 4.48
CA VAL A 51 24.07 2.17 5.17
C VAL A 51 22.79 1.46 4.78
N VAL A 52 22.75 0.96 3.55
CA VAL A 52 21.59 0.21 3.13
C VAL A 52 21.46 -1.08 3.93
N HIS A 53 22.57 -1.80 4.12
CA HIS A 53 22.53 -3.06 4.87
C HIS A 53 22.13 -2.85 6.33
N LEU A 54 22.74 -1.85 6.97
CA LEU A 54 22.41 -1.49 8.34
C LEU A 54 20.95 -1.06 8.52
N THR A 55 20.46 -0.24 7.59
CA THR A 55 19.10 0.25 7.72
C THR A 55 18.13 -0.91 7.66
N LEU A 56 18.35 -1.82 6.70
CA LEU A 56 17.48 -2.99 6.56
C LEU A 56 17.55 -3.90 7.78
N ARG A 57 18.75 -4.08 8.34
CA ARG A 57 18.90 -4.79 9.61
C ARG A 57 18.05 -4.15 10.70
N GLN A 58 18.19 -2.83 10.88
CA GLN A 58 17.46 -2.13 11.94
C GLN A 58 15.96 -2.28 11.76
N ALA A 59 15.51 -2.10 10.53
CA ALA A 59 14.08 -2.20 10.22
C ALA A 59 13.58 -3.62 10.45
N GLY A 60 14.40 -4.59 10.04
CA GLY A 60 14.01 -5.99 10.18
C GLY A 60 13.88 -6.39 11.64
N ASP A 61 14.85 -5.95 12.43
CA ASP A 61 14.85 -6.22 13.85
C ASP A 61 13.66 -5.55 14.59
N ASP A 62 13.29 -4.34 14.19
CA ASP A 62 12.15 -3.66 14.82
C ASP A 62 10.87 -4.39 14.41
N PHE A 63 10.78 -4.79 13.14
CA PHE A 63 9.64 -5.55 12.64
C PHE A 63 9.48 -6.83 13.45
N SER A 64 10.58 -7.55 13.61
CA SER A 64 10.57 -8.78 14.40
C SER A 64 10.26 -8.53 15.87
N ARG A 65 10.81 -7.46 16.43
CA ARG A 65 10.56 -7.13 17.83
C ARG A 65 9.09 -6.80 18.07
N ARG A 66 8.49 -6.05 17.16
CA ARG A 66 7.08 -5.64 17.30
C ARG A 66 6.10 -6.77 17.09
N TYR A 67 6.38 -7.63 16.13
CA TYR A 67 5.42 -8.64 15.75
C TYR A 67 5.86 -10.05 16.10
N ARG A 68 6.78 -10.13 17.06
CA ARG A 68 7.22 -11.39 17.67
C ARG A 68 6.05 -12.33 17.92
N ARG A 69 5.21 -11.96 18.88
CA ARG A 69 4.01 -12.73 19.23
C ARG A 69 3.16 -13.12 18.02
N ASP A 70 2.83 -12.13 17.17
CA ASP A 70 1.96 -12.36 16.01
C ASP A 70 2.42 -13.53 15.14
N PHE A 71 3.72 -13.61 14.88
CA PHE A 71 4.27 -14.69 14.07
C PHE A 71 4.95 -15.77 14.91
N ALA A 72 4.44 -16.01 16.11
CA ALA A 72 5.05 -16.97 17.03
C ALA A 72 4.91 -18.40 16.50
N GLU A 73 3.73 -18.69 15.98
CA GLU A 73 3.41 -20.03 15.52
C GLU A 73 4.02 -20.33 14.14
N MET A 74 4.44 -19.27 13.45
CA MET A 74 4.78 -19.32 12.03
C MET A 74 5.64 -20.50 11.58
N SER A 75 6.71 -20.77 12.30
CA SER A 75 7.64 -21.84 11.91
C SER A 75 6.95 -23.20 11.79
N SER A 76 5.98 -23.45 12.66
CA SER A 76 5.18 -24.67 12.56
C SER A 76 4.10 -24.54 11.48
N GLN A 77 3.61 -23.31 11.29
CA GLN A 77 2.69 -23.03 10.19
C GLN A 77 3.36 -23.31 8.85
N LEU A 78 4.66 -23.01 8.79
CA LEU A 78 5.44 -23.19 7.58
C LEU A 78 5.45 -24.64 7.14
N HIS A 79 5.58 -25.56 8.10
CA HIS A 79 5.66 -26.99 7.81
C HIS A 79 6.66 -27.20 6.69
N LEU A 80 7.91 -26.89 6.97
CA LEU A 80 8.96 -26.83 5.95
C LEU A 80 9.67 -28.17 5.72
N THR A 81 9.76 -28.56 4.46
CA THR A 81 10.45 -29.77 4.02
C THR A 81 11.16 -29.49 2.68
N PRO A 82 12.01 -30.41 2.21
CA PRO A 82 12.61 -30.13 0.89
C PRO A 82 11.57 -30.07 -0.25
N PHE A 83 10.44 -30.73 -0.07
CA PHE A 83 9.44 -30.76 -1.14
C PHE A 83 8.44 -29.63 -1.05
N THR A 84 8.37 -28.99 0.12
CA THR A 84 7.36 -27.96 0.33
C THR A 84 7.93 -26.53 0.15
N ALA A 85 9.27 -26.43 0.19
CA ALA A 85 9.93 -25.13 0.38
C ALA A 85 9.68 -24.15 -0.74
N ARG A 86 9.93 -24.59 -1.98
CA ARG A 86 9.81 -23.70 -3.13
C ARG A 86 8.37 -23.29 -3.33
N GLY A 87 7.46 -24.25 -3.26
CA GLY A 87 6.03 -23.98 -3.39
C GLY A 87 5.53 -22.99 -2.35
N ARG A 88 5.98 -23.15 -1.10
CA ARG A 88 5.51 -22.27 -0.02
C ARG A 88 6.06 -20.87 -0.20
N PHE A 89 7.32 -20.80 -0.57
CA PHE A 89 7.93 -19.51 -0.87
C PHE A 89 7.14 -18.76 -1.96
N ALA A 90 6.91 -19.39 -3.10
CA ALA A 90 6.13 -18.78 -4.19
C ALA A 90 4.78 -18.33 -3.70
N THR A 91 4.02 -19.26 -3.10
CA THR A 91 2.68 -18.98 -2.58
C THR A 91 2.65 -17.74 -1.73
N VAL A 92 3.55 -17.68 -0.76
CA VAL A 92 3.59 -16.61 0.23
C VAL A 92 4.03 -15.28 -0.38
N VAL A 93 5.17 -15.28 -1.04
CA VAL A 93 5.70 -14.06 -1.64
C VAL A 93 4.76 -13.51 -2.72
N GLU A 94 4.24 -14.37 -3.59
CA GLU A 94 3.31 -13.91 -4.62
C GLU A 94 2.06 -13.30 -4.02
N GLU A 95 1.55 -13.89 -2.93
CA GLU A 95 0.37 -13.33 -2.29
C GLU A 95 0.66 -12.02 -1.57
N LEU A 96 1.85 -11.92 -0.95
CA LEU A 96 2.26 -10.72 -0.22
C LEU A 96 2.22 -9.46 -1.09
N PHE A 97 2.61 -9.60 -2.35
CA PHE A 97 2.74 -8.46 -3.25
C PHE A 97 1.67 -8.42 -4.37
N ARG A 98 0.62 -9.23 -4.25
CA ARG A 98 -0.38 -9.32 -5.31
C ARG A 98 -1.07 -7.98 -5.63
N ASP A 99 -1.53 -7.27 -4.60
CA ASP A 99 -2.25 -6.03 -4.79
C ASP A 99 -1.38 -4.78 -4.55
N GLY A 100 -0.09 -4.97 -4.31
CA GLY A 100 0.80 -3.83 -4.24
C GLY A 100 2.16 -4.09 -3.65
N VAL A 101 3.00 -3.06 -3.68
CA VAL A 101 4.33 -3.12 -3.09
C VAL A 101 4.50 -1.86 -2.26
N ASN A 102 5.14 -2.00 -1.09
CA ASN A 102 5.64 -0.86 -0.32
C ASN A 102 6.81 -1.33 0.55
N TRP A 103 7.58 -0.39 1.09
CA TRP A 103 8.77 -0.75 1.87
C TRP A 103 8.47 -1.66 3.08
N GLY A 104 7.32 -1.48 3.72
CA GLY A 104 6.92 -2.32 4.83
C GLY A 104 6.73 -3.77 4.40
N ARG A 105 6.08 -3.96 3.27
CA ARG A 105 5.91 -5.30 2.71
C ARG A 105 7.25 -5.90 2.29
N ILE A 106 8.19 -5.04 1.92
CA ILE A 106 9.50 -5.52 1.48
C ILE A 106 10.30 -5.98 2.70
N VAL A 107 10.20 -5.23 3.79
CA VAL A 107 10.82 -5.66 5.06
C VAL A 107 10.22 -6.99 5.54
N ALA A 108 8.90 -7.14 5.40
CA ALA A 108 8.24 -8.40 5.76
C ALA A 108 8.76 -9.56 4.91
N PHE A 109 8.94 -9.28 3.63
CA PHE A 109 9.55 -10.22 2.70
C PHE A 109 10.94 -10.70 3.17
N PHE A 110 11.82 -9.76 3.50
CA PHE A 110 13.14 -10.11 4.03
C PHE A 110 13.04 -10.94 5.32
N GLU A 111 12.13 -10.54 6.22
CA GLU A 111 11.96 -11.26 7.47
C GLU A 111 11.40 -12.67 7.24
N PHE A 112 10.49 -12.79 6.27
CA PHE A 112 9.94 -14.09 5.94
C PHE A 112 11.05 -15.01 5.41
N GLY A 113 11.94 -14.46 4.59
CA GLY A 113 13.08 -15.20 4.10
C GLY A 113 13.96 -15.67 5.25
N GLY A 114 14.21 -14.75 6.18
CA GLY A 114 15.05 -15.05 7.33
C GLY A 114 14.48 -16.20 8.13
N VAL A 115 13.17 -16.19 8.29
CA VAL A 115 12.47 -17.23 9.03
C VAL A 115 12.63 -18.58 8.30
N MET A 116 12.48 -18.58 6.99
N MET A 116 12.48 -18.56 6.98
CA MET A 116 12.61 -19.82 6.23
CA MET A 116 12.62 -19.76 6.17
C MET A 116 14.02 -20.39 6.29
C MET A 116 14.01 -20.38 6.29
N CYS A 117 15.03 -19.51 6.35
CA CYS A 117 16.41 -19.96 6.45
C CYS A 117 16.68 -20.57 7.82
N VAL A 118 16.26 -19.87 8.87
CA VAL A 118 16.44 -20.32 10.24
C VAL A 118 15.74 -21.67 10.43
N GLU A 119 14.55 -21.80 9.87
CA GLU A 119 13.78 -23.03 10.01
C GLU A 119 14.42 -24.18 9.23
N SER A 120 15.01 -23.86 8.08
CA SER A 120 15.75 -24.83 7.29
C SER A 120 16.92 -25.44 8.07
N VAL A 121 17.70 -24.60 8.72
CA VAL A 121 18.82 -25.08 9.55
C VAL A 121 18.26 -25.94 10.68
N ASN A 122 17.16 -25.48 11.28
CA ASN A 122 16.54 -26.19 12.38
C ASN A 122 15.99 -27.55 11.98
N ARG A 123 15.48 -27.67 10.76
CA ARG A 123 14.93 -28.95 10.33
C ARG A 123 15.95 -29.80 9.55
N GLU A 124 17.23 -29.50 9.77
CA GLU A 124 18.33 -30.27 9.20
C GLU A 124 18.31 -30.21 7.68
N MET A 125 18.03 -29.00 7.18
CA MET A 125 17.95 -28.69 5.75
C MET A 125 18.78 -27.47 5.40
N SER A 126 19.90 -27.29 6.08
N SER A 126 19.89 -27.30 6.09
CA SER A 126 20.75 -26.12 5.89
CA SER A 126 20.78 -26.15 5.91
C SER A 126 21.13 -25.81 4.44
C SER A 126 21.13 -25.82 4.45
N PRO A 127 21.31 -26.83 3.56
CA PRO A 127 21.56 -26.46 2.16
C PRO A 127 20.47 -25.61 1.51
N LEU A 128 19.22 -25.78 1.92
CA LEU A 128 18.15 -24.93 1.40
C LEU A 128 18.42 -23.43 1.55
N VAL A 129 19.24 -23.05 2.53
CA VAL A 129 19.54 -21.64 2.76
C VAL A 129 20.02 -20.94 1.47
N ASP A 130 20.92 -21.60 0.75
CA ASP A 130 21.40 -21.08 -0.53
C ASP A 130 20.30 -20.94 -1.57
N ASN A 131 19.35 -21.88 -1.58
CA ASN A 131 18.25 -21.81 -2.54
C ASN A 131 17.35 -20.61 -2.23
N ILE A 132 17.02 -20.45 -0.96
CA ILE A 132 16.16 -19.35 -0.52
C ILE A 132 16.80 -18.00 -0.83
N ALA A 133 18.09 -17.89 -0.61
CA ALA A 133 18.80 -16.66 -0.99
C ALA A 133 18.67 -16.43 -2.50
N LEU A 134 18.81 -17.48 -3.30
CA LEU A 134 18.62 -17.34 -4.74
C LEU A 134 17.18 -16.93 -5.06
N TRP A 135 16.19 -17.61 -4.48
CA TRP A 135 14.79 -17.26 -4.73
C TRP A 135 14.52 -15.80 -4.38
N MET A 136 15.08 -15.32 -3.27
CA MET A 136 14.83 -13.95 -2.85
C MET A 136 15.49 -12.96 -3.81
N THR A 137 16.72 -13.28 -4.19
CA THR A 137 17.47 -12.46 -5.12
C THR A 137 16.75 -12.35 -6.47
N GLU A 138 16.31 -13.49 -7.01
CA GLU A 138 15.56 -13.52 -8.26
C GLU A 138 14.26 -12.71 -8.15
N TYR A 139 13.54 -12.89 -7.05
CA TYR A 139 12.29 -12.17 -6.88
C TYR A 139 12.51 -10.66 -6.83
N LEU A 140 13.56 -10.23 -6.13
CA LEU A 140 13.89 -8.80 -6.10
C LEU A 140 14.23 -8.28 -7.50
N ASN A 141 15.04 -9.05 -8.22
CA ASN A 141 15.53 -8.59 -9.52
C ASN A 141 14.47 -8.58 -10.61
N ARG A 142 13.50 -9.47 -10.50
CA ARG A 142 12.55 -9.66 -11.58
C ARG A 142 11.15 -9.13 -11.30
N HIS A 143 10.78 -8.95 -10.02
CA HIS A 143 9.42 -8.50 -9.72
C HIS A 143 9.31 -7.25 -8.85
N LEU A 144 10.37 -6.92 -8.11
CA LEU A 144 10.31 -5.74 -7.25
C LEU A 144 11.16 -4.59 -7.80
N HIS A 145 12.08 -4.94 -8.68
CA HIS A 145 13.01 -3.97 -9.23
C HIS A 145 12.30 -2.74 -9.79
N THR A 146 11.26 -2.94 -10.58
N THR A 146 11.26 -2.97 -10.58
CA THR A 146 10.57 -1.83 -11.20
CA THR A 146 10.50 -1.89 -11.21
C THR A 146 9.98 -0.88 -10.15
C THR A 146 9.94 -0.90 -10.19
N TRP A 147 9.27 -1.42 -9.17
CA TRP A 147 8.70 -0.59 -8.13
C TRP A 147 9.78 0.15 -7.35
N ILE A 148 10.83 -0.57 -6.96
CA ILE A 148 11.93 0.02 -6.19
C ILE A 148 12.54 1.23 -6.94
N GLN A 149 12.91 1.05 -8.20
CA GLN A 149 13.45 2.16 -8.99
C GLN A 149 12.44 3.30 -9.21
N ASP A 150 11.18 2.98 -9.45
CA ASP A 150 10.14 4.00 -9.61
C ASP A 150 9.85 4.78 -8.35
N ASN A 151 10.25 4.24 -7.21
CA ASN A 151 9.97 4.90 -5.96
C ASN A 151 11.21 5.34 -5.17
N GLY A 152 12.28 5.65 -5.88
CA GLY A 152 13.43 6.32 -5.30
C GLY A 152 14.61 5.45 -5.00
N GLY A 153 14.49 4.15 -5.28
CA GLY A 153 15.56 3.20 -5.03
C GLY A 153 15.78 2.92 -3.54
N TRP A 154 16.77 2.09 -3.23
CA TRP A 154 17.11 1.80 -1.85
C TRP A 154 17.50 3.06 -1.08
N ASP A 155 17.91 4.10 -1.81
CA ASP A 155 18.15 5.40 -1.19
C ASP A 155 16.88 5.95 -0.52
N ALA A 156 15.73 5.82 -1.16
CA ALA A 156 14.49 6.27 -0.56
C ALA A 156 14.22 5.47 0.72
N PHE A 157 14.47 4.17 0.70
CA PHE A 157 14.30 3.32 1.88
C PHE A 157 15.14 3.85 3.04
N VAL A 158 16.38 4.20 2.74
CA VAL A 158 17.31 4.69 3.75
C VAL A 158 16.80 5.96 4.40
N GLU A 159 16.22 6.85 3.60
CA GLU A 159 15.70 8.12 4.12
C GLU A 159 14.42 7.93 4.94
N LEU A 160 13.58 6.97 4.55
CA LEU A 160 12.36 6.71 5.28
C LEU A 160 12.58 5.90 6.55
N TYR A 161 13.56 5.00 6.55
CA TYR A 161 13.69 4.03 7.63
C TYR A 161 14.94 4.15 8.46
N GLY A 162 15.96 4.82 7.93
CA GLY A 162 17.26 4.81 8.54
C GLY A 162 17.71 6.14 9.10
N PRO A 163 18.96 6.20 9.57
CA PRO A 163 19.53 7.40 10.21
C PRO A 163 19.85 8.49 9.20
N GLY B 8 -20.91 -3.91 -8.27
CA GLY B 8 -20.01 -3.05 -9.03
C GLY B 8 -20.84 -2.20 -9.94
N TYR B 9 -20.21 -1.38 -10.77
CA TYR B 9 -20.96 -0.55 -11.73
C TYR B 9 -20.11 0.17 -12.77
N ASP B 10 -20.62 1.31 -13.21
CA ASP B 10 -19.94 2.21 -14.13
C ASP B 10 -19.33 3.37 -13.34
N ASN B 11 -18.06 3.65 -13.56
CA ASN B 11 -17.32 4.61 -12.77
C ASN B 11 -17.88 6.04 -12.80
N ARG B 12 -18.32 6.47 -13.98
CA ARG B 12 -18.93 7.79 -14.12
C ARG B 12 -20.15 7.95 -13.21
N GLU B 13 -21.00 6.93 -13.17
CA GLU B 13 -22.16 6.96 -12.29
C GLU B 13 -21.74 7.15 -10.83
N ILE B 14 -20.65 6.49 -10.45
CA ILE B 14 -20.21 6.49 -9.06
C ILE B 14 -19.70 7.87 -8.66
N VAL B 15 -18.93 8.49 -9.53
CA VAL B 15 -18.44 9.84 -9.28
C VAL B 15 -19.59 10.83 -9.15
N MET B 16 -20.50 10.80 -10.12
CA MET B 16 -21.61 11.75 -10.15
C MET B 16 -22.49 11.68 -8.90
N LYS B 17 -22.88 10.48 -8.50
CA LYS B 17 -23.74 10.35 -7.32
C LYS B 17 -22.97 10.59 -6.02
N TYR B 18 -21.66 10.37 -6.03
CA TYR B 18 -20.87 10.66 -4.85
C TYR B 18 -20.77 12.17 -4.65
N ILE B 19 -20.37 12.87 -5.71
N ILE B 19 -20.36 12.86 -5.70
CA ILE B 19 -20.21 14.32 -5.66
CA ILE B 19 -20.22 14.31 -5.65
C ILE B 19 -21.54 15.00 -5.33
C ILE B 19 -21.55 14.99 -5.31
N HIS B 20 -22.62 14.52 -5.94
CA HIS B 20 -23.94 15.11 -5.72
C HIS B 20 -24.32 15.00 -4.25
N TYR B 21 -23.97 13.87 -3.64
CA TYR B 21 -24.21 13.67 -2.22
C TYR B 21 -23.39 14.63 -1.35
N LYS B 22 -22.09 14.72 -1.58
CA LYS B 22 -21.26 15.59 -0.76
C LYS B 22 -21.71 17.05 -0.88
N LEU B 23 -22.03 17.49 -2.11
CA LEU B 23 -22.54 18.83 -2.32
C LEU B 23 -23.88 19.00 -1.62
N SER B 24 -24.77 18.04 -1.82
CA SER B 24 -26.09 18.06 -1.18
C SER B 24 -25.95 18.17 0.33
N GLN B 25 -24.98 17.43 0.87
CA GLN B 25 -24.70 17.39 2.30
C GLN B 25 -24.47 18.77 2.91
N ARG B 26 -23.90 19.70 2.13
CA ARG B 26 -23.56 21.00 2.68
C ARG B 26 -24.42 22.14 2.14
N GLY B 27 -25.45 21.79 1.37
CA GLY B 27 -26.46 22.77 0.96
C GLY B 27 -26.52 23.14 -0.52
N TYR B 28 -25.88 22.34 -1.38
CA TYR B 28 -25.85 22.66 -2.81
C TYR B 28 -26.42 21.54 -3.68
N GLU B 29 -27.28 21.90 -4.63
CA GLU B 29 -27.86 20.93 -5.56
C GLU B 29 -27.23 21.06 -6.94
N TRP B 30 -27.10 19.93 -7.64
CA TRP B 30 -26.26 19.86 -8.83
C TRP B 30 -26.61 18.67 -9.73
N ASP B 31 -26.91 18.93 -11.00
CA ASP B 31 -27.11 17.86 -11.98
C ASP B 31 -26.06 17.93 -13.09
N ALA B 32 -25.75 16.78 -13.69
CA ALA B 32 -24.74 16.71 -14.75
C ALA B 32 -25.16 17.47 -16.00
N GLU B 48 -29.55 -2.54 -5.84
CA GLU B 48 -29.09 -2.58 -7.21
C GLU B 48 -27.57 -2.46 -7.23
N SER B 49 -27.10 -1.41 -7.89
CA SER B 49 -25.73 -0.95 -7.72
C SER B 49 -25.74 0.08 -6.60
N GLU B 50 -26.94 0.30 -6.06
CA GLU B 50 -27.18 1.25 -4.97
C GLU B 50 -26.33 0.94 -3.73
N VAL B 51 -25.97 -0.32 -3.58
CA VAL B 51 -25.21 -0.79 -2.43
C VAL B 51 -23.76 -0.30 -2.49
N VAL B 52 -23.26 -0.07 -3.71
CA VAL B 52 -21.91 0.49 -3.86
C VAL B 52 -21.94 1.98 -3.51
N HIS B 53 -22.98 2.69 -3.95
CA HIS B 53 -23.08 4.12 -3.66
C HIS B 53 -23.20 4.37 -2.17
N LEU B 54 -24.08 3.59 -1.51
CA LEU B 54 -24.30 3.72 -0.08
C LEU B 54 -23.02 3.45 0.72
N THR B 55 -22.33 2.38 0.37
CA THR B 55 -21.14 2.01 1.09
C THR B 55 -20.04 3.06 0.90
N LEU B 56 -19.91 3.56 -0.33
CA LEU B 56 -18.88 4.54 -0.61
C LEU B 56 -19.16 5.83 0.15
N ARG B 57 -20.42 6.26 0.16
CA ARG B 57 -20.80 7.47 0.87
C ARG B 57 -20.54 7.36 2.38
N GLN B 58 -20.92 6.24 2.97
CA GLN B 58 -20.70 6.01 4.39
C GLN B 58 -19.22 5.95 4.75
N ALA B 59 -18.43 5.20 3.98
CA ALA B 59 -17.00 5.13 4.24
C ALA B 59 -16.34 6.48 4.05
N GLY B 60 -16.89 7.28 3.15
CA GLY B 60 -16.34 8.59 2.86
C GLY B 60 -16.67 9.57 3.95
N ASP B 61 -17.95 9.57 4.37
CA ASP B 61 -18.37 10.30 5.56
C ASP B 61 -17.57 9.83 6.76
N ASP B 62 -17.46 8.51 6.90
CA ASP B 62 -16.70 7.94 7.99
C ASP B 62 -15.29 8.52 7.99
N PHE B 63 -14.60 8.37 6.87
CA PHE B 63 -13.23 8.85 6.70
C PHE B 63 -13.04 10.34 7.01
N SER B 64 -13.98 11.17 6.56
CA SER B 64 -13.84 12.60 6.74
C SER B 64 -14.14 13.00 8.18
N ARG B 65 -15.15 12.40 8.78
CA ARG B 65 -15.52 12.68 10.17
C ARG B 65 -14.47 12.14 11.11
N ARG B 66 -14.01 10.93 10.81
CA ARG B 66 -12.99 10.26 11.61
C ARG B 66 -11.72 11.09 11.69
N TYR B 67 -11.32 11.65 10.56
CA TYR B 67 -10.06 12.39 10.47
C TYR B 67 -10.29 13.87 10.21
N ARG B 68 -11.46 14.34 10.65
CA ARG B 68 -11.89 15.73 10.52
C ARG B 68 -10.82 16.73 10.94
N ARG B 69 -10.32 16.56 12.16
CA ARG B 69 -9.31 17.46 12.72
C ARG B 69 -8.05 17.46 11.86
N ASP B 70 -7.75 16.33 11.21
CA ASP B 70 -6.53 16.24 10.42
C ASP B 70 -6.64 16.94 9.06
N PHE B 71 -7.85 17.10 8.55
CA PHE B 71 -8.03 17.73 7.24
C PHE B 71 -8.74 19.08 7.36
N ALA B 72 -8.78 19.62 8.58
CA ALA B 72 -9.54 20.83 8.89
C ALA B 72 -9.18 22.03 8.02
N GLU B 73 -7.92 22.12 7.62
CA GLU B 73 -7.46 23.28 6.86
C GLU B 73 -6.93 22.91 5.47
N MET B 74 -7.57 21.94 4.84
CA MET B 74 -7.19 21.53 3.49
C MET B 74 -7.76 22.51 2.47
N SER B 75 -8.94 23.04 2.75
CA SER B 75 -9.59 24.00 1.86
C SER B 75 -8.77 25.28 1.74
N SER B 76 -8.05 25.61 2.81
CA SER B 76 -7.14 26.75 2.79
C SER B 76 -5.99 26.44 1.84
N GLN B 77 -5.31 25.33 2.08
CA GLN B 77 -4.09 24.96 1.36
C GLN B 77 -4.33 24.71 -0.13
N LEU B 78 -5.59 24.65 -0.55
CA LEU B 78 -5.93 24.42 -1.95
C LEU B 78 -5.59 25.64 -2.81
N HIS B 79 -5.99 26.82 -2.36
CA HIS B 79 -5.82 28.06 -3.11
C HIS B 79 -6.36 27.89 -4.51
N LEU B 80 -7.63 27.55 -4.59
CA LEU B 80 -8.27 27.18 -5.84
C LEU B 80 -8.55 28.37 -6.75
N THR B 81 -8.00 28.31 -7.95
CA THR B 81 -8.42 29.18 -9.04
C THR B 81 -8.68 28.27 -10.24
N PRO B 82 -9.43 28.77 -11.23
CA PRO B 82 -9.65 27.96 -12.45
C PRO B 82 -8.35 27.65 -13.19
N PHE B 83 -7.36 28.53 -13.09
CA PHE B 83 -6.12 28.41 -13.85
C PHE B 83 -5.21 27.36 -13.23
N THR B 84 -5.45 27.05 -11.96
CA THR B 84 -4.56 26.17 -11.22
C THR B 84 -5.24 24.86 -10.85
N ALA B 85 -6.53 24.78 -11.14
CA ALA B 85 -7.38 23.67 -10.71
C ALA B 85 -6.95 22.32 -11.23
N ARG B 86 -6.55 22.25 -12.50
CA ARG B 86 -6.05 21.02 -13.08
C ARG B 86 -4.77 20.59 -12.40
N GLY B 87 -3.87 21.55 -12.21
CA GLY B 87 -2.59 21.26 -11.59
C GLY B 87 -2.74 20.81 -10.15
N ARG B 88 -3.64 21.46 -9.40
CA ARG B 88 -3.83 21.09 -8.00
C ARG B 88 -4.34 19.64 -7.90
N PHE B 89 -5.35 19.33 -8.71
CA PHE B 89 -5.90 17.99 -8.75
C PHE B 89 -4.82 16.95 -9.12
N ALA B 90 -4.04 17.26 -10.16
CA ALA B 90 -3.00 16.34 -10.60
C ALA B 90 -1.97 16.11 -9.51
N THR B 91 -1.50 17.19 -8.91
CA THR B 91 -0.48 17.10 -7.87
C THR B 91 -0.92 16.12 -6.79
N VAL B 92 -2.12 16.35 -6.25
CA VAL B 92 -2.58 15.55 -5.13
C VAL B 92 -2.84 14.09 -5.50
N VAL B 93 -3.62 13.87 -6.55
CA VAL B 93 -4.04 12.52 -6.88
C VAL B 93 -2.85 11.64 -7.31
N GLU B 94 -1.92 12.21 -8.08
CA GLU B 94 -0.79 11.39 -8.53
C GLU B 94 0.09 11.04 -7.35
N GLU B 95 0.26 12.00 -6.43
CA GLU B 95 1.05 11.71 -5.24
C GLU B 95 0.35 10.68 -4.33
N LEU B 96 -0.97 10.81 -4.20
CA LEU B 96 -1.76 9.88 -3.37
C LEU B 96 -1.54 8.43 -3.78
N PHE B 97 -1.43 8.18 -5.08
CA PHE B 97 -1.26 6.82 -5.58
C PHE B 97 0.16 6.58 -6.11
N ARG B 98 1.10 7.43 -5.75
CA ARG B 98 2.51 7.32 -6.18
C ARG B 98 3.03 5.87 -6.13
N ASP B 99 2.99 5.24 -4.95
CA ASP B 99 3.59 3.92 -4.81
C ASP B 99 2.57 2.79 -4.82
N GLY B 100 1.32 3.13 -5.13
CA GLY B 100 0.32 2.08 -5.28
C GLY B 100 -1.09 2.50 -4.94
N VAL B 101 -1.93 1.49 -4.81
CA VAL B 101 -3.37 1.67 -4.65
C VAL B 101 -3.89 0.73 -3.58
N ASN B 102 -4.76 1.22 -2.71
CA ASN B 102 -5.59 0.34 -1.91
C ASN B 102 -6.96 1.00 -1.72
N TRP B 103 -7.90 0.29 -1.10
CA TRP B 103 -9.26 0.81 -0.96
C TRP B 103 -9.27 2.07 -0.11
N GLY B 104 -8.39 2.11 0.88
CA GLY B 104 -8.29 3.27 1.75
C GLY B 104 -7.96 4.55 1.00
N ARG B 105 -6.97 4.48 0.10
CA ARG B 105 -6.58 5.63 -0.70
C ARG B 105 -7.66 6.02 -1.70
N ILE B 106 -8.38 5.02 -2.20
CA ILE B 106 -9.49 5.28 -3.10
C ILE B 106 -10.60 6.08 -2.38
N VAL B 107 -10.88 5.74 -1.12
CA VAL B 107 -11.86 6.54 -0.38
C VAL B 107 -11.31 7.97 -0.19
N ALA B 108 -10.00 8.08 0.11
CA ALA B 108 -9.37 9.38 0.31
C ALA B 108 -9.46 10.20 -0.97
N PHE B 109 -9.32 9.51 -2.10
CA PHE B 109 -9.44 10.10 -3.43
C PHE B 109 -10.82 10.75 -3.61
N PHE B 110 -11.88 10.01 -3.28
CA PHE B 110 -13.24 10.53 -3.40
C PHE B 110 -13.47 11.72 -2.49
N GLU B 111 -13.07 11.60 -1.23
CA GLU B 111 -13.20 12.72 -0.31
C GLU B 111 -12.41 13.94 -0.77
N PHE B 112 -11.21 13.73 -1.34
CA PHE B 112 -10.44 14.87 -1.79
C PHE B 112 -11.21 15.56 -2.89
N GLY B 113 -11.76 14.77 -3.81
CA GLY B 113 -12.55 15.32 -4.90
C GLY B 113 -13.75 16.06 -4.35
N GLY B 114 -14.27 15.55 -3.22
CA GLY B 114 -15.41 16.16 -2.57
C GLY B 114 -15.05 17.54 -2.06
N VAL B 115 -13.88 17.63 -1.41
CA VAL B 115 -13.41 18.90 -0.86
C VAL B 115 -13.21 19.94 -1.97
N MET B 116 -12.61 19.51 -3.06
CA MET B 116 -12.40 20.39 -4.20
C MET B 116 -13.71 20.91 -4.77
N CYS B 117 -14.73 20.05 -4.82
CA CYS B 117 -16.03 20.48 -5.33
C CYS B 117 -16.66 21.50 -4.40
N VAL B 118 -16.65 21.20 -3.10
CA VAL B 118 -17.17 22.12 -2.09
C VAL B 118 -16.44 23.46 -2.13
N GLU B 119 -15.12 23.42 -2.19
CA GLU B 119 -14.33 24.65 -2.19
C GLU B 119 -14.62 25.49 -3.43
N SER B 120 -14.84 24.80 -4.55
CA SER B 120 -15.19 25.46 -5.79
C SER B 120 -16.46 26.28 -5.65
N VAL B 121 -17.46 25.70 -5.00
CA VAL B 121 -18.73 26.37 -4.80
C VAL B 121 -18.59 27.52 -3.81
N ASN B 122 -17.94 27.24 -2.68
CA ASN B 122 -17.79 28.25 -1.63
C ASN B 122 -16.95 29.43 -2.07
N ARG B 123 -16.18 29.25 -3.14
CA ARG B 123 -15.38 30.34 -3.69
C ARG B 123 -16.01 30.84 -4.99
N GLU B 124 -17.26 30.45 -5.22
CA GLU B 124 -18.03 30.81 -6.41
C GLU B 124 -17.27 30.51 -7.71
N MET B 125 -16.90 29.25 -7.86
CA MET B 125 -16.27 28.75 -9.08
C MET B 125 -16.99 27.46 -9.47
N SER B 126 -18.29 27.41 -9.23
CA SER B 126 -19.09 26.21 -9.44
C SER B 126 -18.89 25.43 -10.75
N PRO B 127 -18.62 26.12 -11.89
CA PRO B 127 -18.41 25.31 -13.09
C PRO B 127 -17.31 24.26 -12.95
N LEU B 128 -16.36 24.50 -12.05
CA LEU B 128 -15.25 23.58 -11.84
C LEU B 128 -15.73 22.24 -11.32
N VAL B 129 -16.88 22.21 -10.65
CA VAL B 129 -17.45 20.96 -10.20
C VAL B 129 -17.55 19.99 -11.37
N ASP B 130 -18.11 20.47 -12.48
CA ASP B 130 -18.19 19.68 -13.70
C ASP B 130 -16.80 19.19 -14.14
N ASN B 131 -15.80 20.06 -14.02
CA ASN B 131 -14.44 19.68 -14.43
C ASN B 131 -13.83 18.70 -13.46
N ILE B 132 -14.21 18.79 -12.20
CA ILE B 132 -13.62 17.93 -11.20
C ILE B 132 -14.17 16.50 -11.35
N ALA B 133 -15.45 16.41 -11.66
CA ALA B 133 -16.11 15.13 -11.89
C ALA B 133 -15.52 14.37 -13.08
N ILE B 134 -15.17 15.10 -14.15
CA ILE B 134 -14.65 14.43 -15.34
C ILE B 134 -13.24 13.92 -15.08
N TRP B 135 -12.44 14.72 -14.37
CA TRP B 135 -11.07 14.33 -14.00
C TRP B 135 -11.07 13.12 -13.07
N MET B 136 -12.03 13.07 -12.15
CA MET B 136 -12.17 11.93 -11.23
C MET B 136 -12.58 10.71 -12.01
N THR B 137 -13.53 10.90 -12.91
CA THR B 137 -14.03 9.83 -13.78
C THR B 137 -12.91 9.29 -14.66
N GLU B 138 -12.18 10.20 -15.31
CA GLU B 138 -11.04 9.84 -16.14
C GLU B 138 -9.95 9.08 -15.38
N TYR B 139 -9.63 9.53 -14.18
CA TYR B 139 -8.57 8.88 -13.41
C TYR B 139 -9.00 7.49 -12.96
N LEU B 140 -10.27 7.33 -12.62
N LEU B 140 -10.29 7.34 -12.65
CA LEU B 140 -10.78 6.00 -12.27
CA LEU B 140 -10.88 6.06 -12.29
C LEU B 140 -10.65 5.05 -13.45
C LEU B 140 -10.74 5.05 -13.42
N ASN B 141 -11.11 5.50 -14.62
CA ASN B 141 -11.10 4.69 -15.81
C ASN B 141 -9.72 4.40 -16.39
N ARG B 142 -8.83 5.38 -16.34
CA ARG B 142 -7.51 5.23 -16.96
C ARG B 142 -6.45 4.73 -16.01
N HIS B 143 -6.68 4.83 -14.71
CA HIS B 143 -5.58 4.56 -13.78
C HIS B 143 -5.93 3.69 -12.57
N LEU B 144 -7.19 3.63 -12.15
CA LEU B 144 -7.54 2.78 -11.00
C LEU B 144 -8.27 1.51 -11.42
N HIS B 145 -8.81 1.56 -12.62
CA HIS B 145 -9.65 0.48 -13.15
C HIS B 145 -9.00 -0.90 -13.09
N THR B 146 -7.73 -0.99 -13.46
N THR B 146 -7.72 -0.99 -13.47
CA THR B 146 -7.04 -2.27 -13.51
CA THR B 146 -7.05 -2.30 -13.51
C THR B 146 -6.90 -2.87 -12.11
C THR B 146 -6.88 -2.89 -12.12
N TRP B 147 -6.47 -2.06 -11.15
CA TRP B 147 -6.31 -2.54 -9.79
C TRP B 147 -7.67 -2.96 -9.20
N ILE B 148 -8.69 -2.15 -9.45
CA ILE B 148 -10.05 -2.49 -8.99
C ILE B 148 -10.52 -3.83 -9.54
N GLN B 149 -10.48 -4.00 -10.86
CA GLN B 149 -10.95 -5.23 -11.47
C GLN B 149 -10.14 -6.45 -11.06
N ASP B 150 -8.84 -6.26 -10.84
CA ASP B 150 -7.94 -7.33 -10.38
C ASP B 150 -8.09 -7.65 -8.90
N ASN B 151 -8.75 -6.78 -8.15
CA ASN B 151 -8.89 -7.03 -6.74
C ASN B 151 -10.34 -7.18 -6.29
N GLY B 152 -11.15 -7.80 -7.17
CA GLY B 152 -12.48 -8.23 -6.81
C GLY B 152 -13.53 -7.22 -7.19
N GLY B 153 -13.08 -6.11 -7.77
CA GLY B 153 -14.02 -5.11 -8.26
C GLY B 153 -14.68 -4.35 -7.11
N TRP B 154 -15.64 -3.50 -7.44
CA TRP B 154 -16.37 -2.76 -6.41
C TRP B 154 -17.07 -3.68 -5.40
N ASP B 155 -17.46 -4.88 -5.81
CA ASP B 155 -18.14 -5.80 -4.89
C ASP B 155 -17.24 -6.18 -3.74
N ALA B 156 -15.93 -6.20 -3.97
CA ALA B 156 -14.96 -6.50 -2.92
C ALA B 156 -14.82 -5.33 -1.96
N PHE B 157 -14.87 -4.11 -2.49
CA PHE B 157 -14.91 -2.92 -1.65
C PHE B 157 -16.12 -2.97 -0.71
N VAL B 158 -17.29 -3.27 -1.28
CA VAL B 158 -18.53 -3.32 -0.52
C VAL B 158 -18.48 -4.43 0.55
N GLU B 159 -17.88 -5.56 0.24
CA GLU B 159 -17.80 -6.64 1.21
C GLU B 159 -16.87 -6.28 2.37
N LEU B 160 -15.83 -5.52 2.08
CA LEU B 160 -14.90 -5.10 3.10
C LEU B 160 -15.42 -3.92 3.94
N TYR B 161 -16.07 -2.95 3.29
CA TYR B 161 -16.40 -1.69 3.96
C TYR B 161 -17.87 -1.50 4.36
N GLY B 162 -18.70 -2.51 4.15
CA GLY B 162 -20.11 -2.37 4.52
C GLY B 162 -20.31 -2.59 6.00
N PRO B 163 -21.39 -2.04 6.57
CA PRO B 163 -21.70 -2.26 7.99
C PRO B 163 -22.02 -3.72 8.31
N ILE C 2 1.79 18.49 -2.50
CA ILE C 2 2.50 17.24 -2.22
C ILE C 2 2.37 16.81 -0.75
N ILE C 4 -0.77 17.90 1.47
CA ILE C 4 -2.15 17.43 1.40
C ILE C 4 -2.14 15.96 0.95
N ALA C 5 -1.34 15.67 -0.07
CA ALA C 5 -1.35 14.34 -0.67
C ALA C 5 -0.71 13.28 0.25
N GLN C 6 0.49 13.56 0.77
CA GLN C 6 1.21 12.60 1.59
C GLN C 6 0.52 12.38 2.94
N LEU C 8 -3.43 12.67 3.05
CA LEU C 8 -4.47 11.82 2.51
C LEU C 8 -3.95 10.41 2.39
N ARG C 9 -2.70 10.26 2.00
CA ARG C 9 -2.17 8.92 1.76
C ARG C 9 -1.94 8.17 3.10
N ILE C 11 -3.14 8.60 6.04
CA ILE C 11 -4.40 8.33 6.70
C ILE C 11 -5.25 7.30 5.92
N GLY C 12 -5.22 7.39 4.60
CA GLY C 12 -5.81 6.37 3.76
C GLY C 12 -5.28 4.97 4.07
N ASP C 13 -3.98 4.87 4.37
CA ASP C 13 -3.36 3.57 4.65
C ASP C 13 -3.74 3.05 6.04
N PHE C 15 -6.53 3.83 7.53
CA PHE C 15 -7.93 3.45 7.26
C PHE C 15 -8.01 2.05 6.64
N ASN C 16 -7.23 1.82 5.61
CA ASN C 16 -7.30 0.56 4.87
C ASN C 16 -6.80 -0.61 5.70
N TYR C 18 -7.43 -0.38 9.66
CA TYR C 18 -8.62 -0.45 10.48
C TYR C 18 -9.62 -1.40 9.77
N TYR C 19 -9.65 -1.32 8.43
CA TYR C 19 -10.56 -2.16 7.64
C TYR C 19 -9.90 -3.46 7.19
N ALA C 20 -8.79 -3.81 7.82
CA ALA C 20 -8.15 -5.10 7.57
C ALA C 20 -8.96 -6.21 8.24
N ARG C 21 -8.83 -7.43 7.72
CA ARG C 21 -9.63 -8.57 8.14
C ARG C 21 -9.32 -9.07 9.56
N ARG C 22 -8.03 -9.26 9.86
CA ARG C 22 -7.58 -9.83 11.13
C ARG C 22 -8.15 -11.23 11.36
N ILE D 2 -1.21 -18.90 2.07
CA ILE D 2 -2.00 -17.73 1.70
C ILE D 2 -2.41 -16.95 2.93
N ILE D 4 -0.33 -16.89 6.34
CA ILE D 4 0.95 -16.27 6.67
C ILE D 4 1.14 -15.05 5.77
N ALA D 5 0.82 -15.25 4.50
CA ALA D 5 1.04 -14.21 3.48
C ALA D 5 0.15 -12.98 3.70
N GLN D 6 -1.12 -13.21 4.00
CA GLN D 6 -2.09 -12.11 4.12
C GLN D 6 -2.00 -11.46 5.50
N LEU D 8 1.68 -11.26 6.99
CA LEU D 8 2.82 -10.46 6.54
C LEU D 8 2.31 -9.17 5.88
N ARG D 9 1.29 -9.30 5.05
CA ARG D 9 0.80 -8.19 4.24
C ARG D 9 0.15 -7.14 5.13
N ILE D 11 0.37 -6.67 8.21
CA ILE D 11 1.32 -6.12 9.19
C ILE D 11 2.44 -5.31 8.55
N GLY D 12 2.86 -5.74 7.36
CA GLY D 12 3.72 -4.90 6.53
C GLY D 12 3.11 -3.52 6.26
N ASP D 13 1.82 -3.50 5.89
CA ASP D 13 1.14 -2.23 5.60
C ASP D 13 1.10 -1.37 6.86
N PHE D 15 3.07 -1.54 9.34
CA PHE D 15 4.47 -1.15 9.57
C PHE D 15 4.91 0.02 8.67
N ASN D 16 4.58 -0.06 7.39
CA ASN D 16 4.92 0.99 6.44
C ASN D 16 4.25 2.34 6.77
N TYR D 18 3.56 3.09 10.61
CA TYR D 18 4.53 3.31 11.69
C TYR D 18 5.74 4.06 11.13
N TYR D 19 6.02 3.90 9.83
CA TYR D 19 7.12 4.60 9.16
C TYR D 19 6.63 5.47 8.01
N ALA D 20 5.44 6.04 8.17
CA ALA D 20 4.87 6.95 7.18
C ALA D 20 5.76 8.16 6.96
N ARG D 21 5.85 8.61 5.70
CA ARG D 21 6.56 9.82 5.33
C ARG D 21 6.13 11.03 6.18
N ARG D 22 7.09 11.65 6.83
CA ARG D 22 6.87 12.79 7.73
C ARG D 22 5.74 12.54 8.73
#